data_8HZD
#
_entry.id   8HZD
#
_cell.length_a   77.494
_cell.length_b   46.461
_cell.length_c   56.251
_cell.angle_alpha   90.00
_cell.angle_beta   113.81
_cell.angle_gamma   90.00
#
_symmetry.space_group_name_H-M   'C 1 2 1'
#
loop_
_entity.id
_entity.type
_entity.pdbx_description
1 polymer 'RNA (36-MER)'
2 polymer 'RNA (36-MER)'
3 non-polymer 'MAGNESIUM ION'
4 non-polymer 4-[(~{E})-2-[(4~{Z})-4-[[3,5-bis(fluoranyl)-4-oxidanyl-phenyl]methylidene]-1-methyl-5-oxidanylidene-imidazol-2-yl]ethenyl]benzenecarbonitrile
5 water water
#
loop_
_entity_poly.entity_id
_entity_poly.type
_entity_poly.pdbx_seq_one_letter_code
_entity_poly.pdbx_strand_id
1 'polyribonucleotide' GGAAGAUUGUAAACAUGCCGAAAGGCAGACACUUCC A
2 'polyribonucleotide' (GDP)GAAGAUUGUAAACAUGCCGAAAGGCAGACACUUCC B
#
loop_
_chem_comp.id
_chem_comp.type
_chem_comp.name
_chem_comp.formula
A RNA linking ADENOSINE-5'-MONOPHOSPHATE 'C10 H14 N5 O7 P'
C RNA linking CYTIDINE-5'-MONOPHOSPHATE 'C9 H14 N3 O8 P'
G RNA linking GUANOSINE-5'-MONOPHOSPHATE 'C10 H14 N5 O8 P'
GDP RNA linking GUANOSINE-5'-DIPHOSPHATE 'C10 H15 N5 O11 P2'
MG non-polymer 'MAGNESIUM ION' 'Mg 2'
O2I non-polymer 4-[(~{E})-2-[(4~{Z})-4-[[3,5-bis(fluoranyl)-4-oxidanyl-phenyl]methylidene]-1-methyl-5-oxidanylidene-imidazol-2-yl]ethenyl]benzenecarbonitrile 'C20 H13 F2 N3 O2'
U RNA linking URIDINE-5'-MONOPHOSPHATE 'C9 H13 N2 O9 P'
#
# COMPACT_ATOMS: atom_id res chain seq x y z
PB GDP B 1 -24.50 0.39 -0.60
O1B GDP B 1 -23.64 1.14 0.39
O2B GDP B 1 -25.01 1.32 -1.67
O3B GDP B 1 -25.69 -0.24 0.09
O3A GDP B 1 -23.63 -0.78 -1.31
PA GDP B 1 -22.55 -1.68 -0.51
O1A GDP B 1 -21.15 -1.30 -0.93
O2A GDP B 1 -22.73 -1.55 0.98
O5' GDP B 1 -22.87 -3.18 -1.02
C5' GDP B 1 -22.33 -4.32 -0.37
C4' GDP B 1 -22.81 -5.61 -1.05
O4' GDP B 1 -24.04 -5.40 -1.78
C3' GDP B 1 -21.82 -6.14 -2.06
O3' GDP B 1 -20.89 -7.05 -1.47
C2' GDP B 1 -22.71 -6.86 -3.06
O2' GDP B 1 -22.87 -8.20 -2.61
C1' GDP B 1 -24.02 -6.11 -3.03
N9 GDP B 1 -24.06 -5.11 -4.12
C8 GDP B 1 -24.11 -3.77 -3.95
N7 GDP B 1 -24.09 -3.12 -5.14
C5 GDP B 1 -24.04 -4.05 -6.12
C6 GDP B 1 -23.99 -4.05 -7.60
O6 GDP B 1 -24.01 -2.99 -8.26
N1 GDP B 1 -23.92 -5.22 -8.24
C2 GDP B 1 -23.90 -6.38 -7.58
N2 GDP B 1 -23.83 -7.52 -8.32
N3 GDP B 1 -23.93 -6.47 -6.22
C4 GDP B 1 -24.00 -5.36 -5.44
MG MG C . 21.85 3.93 0.80
MG MG D . 8.79 -8.71 1.55
MG MG E . 51.44 16.15 -3.63
C10 O2I F . 31.54 -4.85 5.70
C13 O2I F . 31.19 -3.58 7.70
C15 O2I F . 31.69 -4.59 8.51
C20 O2I F . 27.28 2.48 1.45
C21 O2I F . 28.56 0.92 2.73
C22 O2I F . 27.07 3.27 2.58
C24 O2I F . 27.61 2.87 3.79
C01 O2I F . 29.34 -1.36 1.94
C02 O2I F . 30.08 -2.60 2.17
C03 O2I F . 31.00 -4.22 3.26
C04 O2I F . 31.12 -4.56 1.82
C07 O2I F . 30.32 -3.33 -0.22
C09 O2I F . 31.49 -5.01 4.25
C11 O2I F . 31.11 -3.68 6.32
C12 O2I F . 32.04 -5.88 6.48
C14 O2I F . 32.11 -5.75 7.87
C19 O2I F . 28.01 1.32 1.52
C23 O2I F . 28.33 1.70 3.85
C25 O2I F . 26.29 4.47 2.47
C27 O2I F . 29.34 -0.39 2.83
F16 O2I F . 32.62 -6.80 8.58
F17 O2I F . 30.78 -2.45 8.36
N05 O2I F . 30.36 -3.02 3.40
N06 O2I F . 30.49 -3.48 1.21
N26 O2I F . 25.67 5.42 2.37
O08 O2I F . 31.61 -5.52 1.23
O18 O2I F . 31.74 -4.42 9.90
MG MG G . 5.49 2.31 -8.38
MG MG H . -25.45 -10.61 -14.52
MG MG I . 2.35 3.30 -2.73
MG MG J . -16.13 0.83 0.78
C10 O2I K . -9.68 7.53 2.45
C13 O2I K . -10.64 7.44 4.64
C15 O2I K . -10.13 6.19 4.86
C20 O2I K . -3.81 3.17 -3.71
C21 O2I K . -5.46 3.84 -2.11
C22 O2I K . -3.50 2.06 -2.95
C24 O2I K . -4.17 1.83 -1.76
C01 O2I K . -6.42 6.11 -1.77
C02 O2I K . -7.35 7.07 -1.24
C03 O2I K . -8.71 8.01 0.14
C04 O2I K . -8.57 8.93 -0.99
C07 O2I K . -7.23 8.79 -3.10
C09 O2I K . -9.50 8.27 1.21
C11 O2I K . -10.43 8.12 3.46
C12 O2I K . -9.13 6.26 2.64
C14 O2I K . -9.38 5.62 3.85
C19 O2I K . -4.78 4.08 -3.29
C23 O2I K . -5.14 2.73 -1.35
C25 O2I K . -2.50 1.12 -3.37
C27 O2I K . -6.50 4.81 -1.57
F16 O2I K . -8.86 4.38 4.11
F17 O2I K . -11.38 7.99 5.66
N05 O2I K . -7.95 6.89 -0.07
N06 O2I K . -7.68 8.27 -1.82
N26 O2I K . -1.71 0.38 -3.69
O08 O2I K . -9.07 10.03 -1.22
O18 O2I K . -10.32 5.52 6.06
#